data_9G5M
#
_entry.id   9G5M
#
_cell.length_a   100.774
_cell.length_b   100.774
_cell.length_c   125.721
_cell.angle_alpha   90.00
_cell.angle_beta   90.00
_cell.angle_gamma   120.00
#
_symmetry.space_group_name_H-M   'P 32 2 1'
#
loop_
_entity.id
_entity.type
_entity.pdbx_description
1 polymer 'Amidohydrolase family protein'
2 non-polymer 'SULFATE ION'
3 non-polymer DI(HYDROXYETHYL)ETHER
4 non-polymer 1,2-ETHANEDIOL
5 non-polymer GLYCEROL
6 non-polymer 'TRIETHYLENE GLYCOL'
7 non-polymer 'NICKEL (II) ION'
8 water water
#
_entity_poly.entity_id   1
_entity_poly.type   'polypeptide(L)'
_entity_poly.pdbx_seq_one_letter_code
;MKVDWLFKNVTVIDGSGGPQYRADVAVKGDRIMAIAPALDVAAEQVIDGQGRVLAPGFIDVHTHDDINVIRMPEYLPKLS
QGVTTVIVGNCGISAATATMRGEVPDPMNLLGEQQHFIYPTVEAYAHAVEAARPSLNVGTLIGHTALRNNHMDDLFRPAN
ETEIAGMRVQLRDALRQGALGLSTGLAYASAFQSTTEEVMALAEELAAGKGVYTTHLRSEFEPILEALDEAFRIGRHGNV
PVVVSHHKCAGAKNWGRTKETLAFFDEMRQQQDIACDCYPYSASSSTLDMKQVTDEFDIVITWSEAQPEQAGKTLQQIAD
EWQVSLHDAAARLMPAGAIYHNMDEQDVRRVMRYPVTMIGSDGLPNDPMPHPRLWGAFPRVLGHYSRDEQLFPLTTAVHK
MTGLSAARFQLADRGLVKIGYFADLVLFDPQTVRDVASFSDPKRPADGIEAVMVNGVMSYGSDKKITGRAGRFLRRRMDH
HHHHH
;
_entity_poly.pdbx_strand_id   A
#
loop_
_chem_comp.id
_chem_comp.type
_chem_comp.name
_chem_comp.formula
EDO non-polymer 1,2-ETHANEDIOL 'C2 H6 O2'
GOL non-polymer GLYCEROL 'C3 H8 O3'
NI non-polymer 'NICKEL (II) ION' 'Ni 2'
PEG non-polymer DI(HYDROXYETHYL)ETHER 'C4 H10 O3'
PGE non-polymer 'TRIETHYLENE GLYCOL' 'C6 H14 O4'
SO4 non-polymer 'SULFATE ION' 'O4 S -2'
#
# COMPACT_ATOMS: atom_id res chain seq x y z
N MET A 1 27.38 -23.01 15.59
CA MET A 1 27.09 -23.13 14.17
C MET A 1 27.70 -21.98 13.41
N LYS A 2 28.26 -22.26 12.24
CA LYS A 2 28.52 -21.20 11.28
C LYS A 2 27.19 -20.66 10.77
N VAL A 3 27.03 -19.33 10.78
CA VAL A 3 25.84 -18.69 10.24
C VAL A 3 26.25 -17.78 9.09
N ASP A 4 25.25 -17.30 8.36
CA ASP A 4 25.55 -16.37 7.26
C ASP A 4 25.68 -14.95 7.76
N TRP A 5 24.76 -14.52 8.61
CA TRP A 5 24.74 -13.15 9.09
C TRP A 5 24.51 -13.17 10.59
N LEU A 6 25.30 -12.38 11.30
CA LEU A 6 25.10 -12.16 12.73
C LEU A 6 24.89 -10.67 12.95
N PHE A 7 23.75 -10.31 13.52
CA PHE A 7 23.48 -8.94 13.92
C PHE A 7 23.78 -8.83 15.41
N LYS A 8 24.85 -8.11 15.78
CA LYS A 8 25.27 -8.03 17.16
C LYS A 8 24.63 -6.84 17.85
N ASN A 9 24.13 -7.06 19.07
CA ASN A 9 23.83 -5.97 19.99
C ASN A 9 22.78 -5.02 19.42
N VAL A 10 21.75 -5.58 18.76
CA VAL A 10 20.68 -4.78 18.18
C VAL A 10 19.55 -4.65 19.18
N THR A 11 18.84 -3.52 19.12
CA THR A 11 17.54 -3.41 19.78
C THR A 11 16.51 -4.10 18.89
N VAL A 12 16.06 -5.28 19.30
CA VAL A 12 15.07 -6.01 18.53
C VAL A 12 13.71 -5.40 18.78
N ILE A 13 13.10 -4.86 17.73
CA ILE A 13 11.69 -4.50 17.76
C ILE A 13 11.02 -5.51 16.83
N ASP A 14 10.39 -6.53 17.43
CA ASP A 14 10.15 -7.78 16.71
C ASP A 14 8.89 -7.78 15.85
N GLY A 15 8.10 -6.71 15.89
CA GLY A 15 6.95 -6.57 14.99
C GLY A 15 5.62 -6.89 15.63
N SER A 16 5.64 -7.47 16.82
CA SER A 16 4.43 -7.87 17.51
C SER A 16 3.78 -6.74 18.27
N GLY A 17 4.46 -5.60 18.38
CA GLY A 17 3.98 -4.53 19.22
C GLY A 17 4.34 -4.71 20.67
N GLY A 18 5.00 -5.83 21.03
CA GLY A 18 5.47 -6.03 22.37
C GLY A 18 6.73 -5.24 22.65
N PRO A 19 7.21 -5.37 23.89
CA PRO A 19 8.40 -4.62 24.30
C PRO A 19 9.63 -4.95 23.45
N GLN A 20 10.54 -3.99 23.38
CA GLN A 20 11.81 -4.17 22.72
C GLN A 20 12.82 -4.79 23.67
N TYR A 21 13.90 -5.30 23.11
CA TYR A 21 14.96 -5.91 23.92
C TYR A 21 16.23 -5.92 23.08
N ARG A 22 17.36 -6.10 23.76
CA ARG A 22 18.66 -6.17 23.10
C ARG A 22 19.10 -7.62 22.98
N ALA A 23 19.64 -7.97 21.82
CA ALA A 23 20.01 -9.35 21.55
C ALA A 23 20.96 -9.37 20.36
N ASP A 24 21.56 -10.55 20.14
CA ASP A 24 22.15 -10.92 18.86
C ASP A 24 21.12 -11.73 18.08
N VAL A 25 21.11 -11.52 16.76
CA VAL A 25 20.23 -12.23 15.85
C VAL A 25 21.09 -12.84 14.76
N ALA A 26 20.91 -14.14 14.50
CA ALA A 26 21.68 -14.84 13.49
C ALA A 26 20.77 -15.33 12.37
N VAL A 27 21.30 -15.31 11.16
CA VAL A 27 20.57 -15.70 9.96
C VAL A 27 21.36 -16.78 9.25
N LYS A 28 20.65 -17.79 8.76
CA LYS A 28 21.24 -18.85 7.96
C LYS A 28 20.30 -19.15 6.81
N GLY A 29 20.84 -19.15 5.58
CA GLY A 29 19.97 -19.23 4.42
C GLY A 29 18.97 -18.08 4.46
N ASP A 30 17.71 -18.39 4.18
CA ASP A 30 16.64 -17.40 4.19
C ASP A 30 15.88 -17.32 5.52
N ARG A 31 16.42 -17.90 6.59
CA ARG A 31 15.69 -17.99 7.84
C ARG A 31 16.44 -17.33 8.97
N ILE A 32 15.69 -16.70 9.87
CA ILE A 32 16.19 -16.29 11.17
C ILE A 32 16.35 -17.54 12.00
N MET A 33 17.60 -17.87 12.36
N MET A 33 17.60 -17.85 12.36
CA MET A 33 17.87 -19.15 12.99
CA MET A 33 17.96 -19.13 12.96
C MET A 33 18.12 -19.07 14.49
C MET A 33 18.13 -19.06 14.47
N ALA A 34 18.50 -17.91 15.02
CA ALA A 34 18.74 -17.81 16.46
C ALA A 34 18.59 -16.38 16.93
N ILE A 35 18.06 -16.23 18.15
CA ILE A 35 17.95 -14.97 18.86
C ILE A 35 18.27 -15.25 20.33
N ALA A 36 19.28 -14.57 20.87
CA ALA A 36 19.69 -14.82 22.25
C ALA A 36 20.37 -13.57 22.79
N PRO A 37 20.42 -13.42 24.13
CA PRO A 37 21.17 -12.29 24.70
C PRO A 37 22.56 -12.11 24.09
N ALA A 38 23.26 -13.20 23.76
CA ALA A 38 24.41 -13.15 22.87
C ALA A 38 24.54 -14.48 22.15
N LEU A 39 25.16 -14.45 20.96
CA LEU A 39 25.37 -15.62 20.13
C LEU A 39 26.86 -15.72 19.81
N ASP A 40 27.56 -16.64 20.45
CA ASP A 40 28.98 -16.80 20.21
C ASP A 40 29.16 -17.81 19.08
N VAL A 41 28.95 -17.33 17.85
CA VAL A 41 28.98 -18.16 16.65
C VAL A 41 29.84 -17.50 15.58
N ALA A 42 30.49 -18.33 14.77
CA ALA A 42 31.17 -17.82 13.59
C ALA A 42 30.16 -17.48 12.51
N ALA A 43 30.30 -16.31 11.90
CA ALA A 43 29.43 -15.87 10.83
C ALA A 43 30.26 -15.48 9.61
N GLU A 44 29.71 -15.74 8.43
CA GLU A 44 30.32 -15.19 7.22
C GLU A 44 30.38 -13.67 7.28
N GLN A 45 29.33 -13.03 7.83
CA GLN A 45 29.25 -11.58 7.91
C GLN A 45 28.71 -11.18 9.29
N VAL A 46 29.36 -10.20 9.91
CA VAL A 46 28.98 -9.68 11.21
C VAL A 46 28.67 -8.19 11.07
N ILE A 47 27.58 -7.76 11.68
CA ILE A 47 27.22 -6.35 11.77
C ILE A 47 27.13 -5.99 13.25
N ASP A 48 27.95 -5.03 13.66
CA ASP A 48 27.82 -4.46 14.99
C ASP A 48 26.62 -3.52 14.97
N GLY A 49 25.51 -3.97 15.53
CA GLY A 49 24.28 -3.20 15.47
C GLY A 49 24.05 -2.25 16.63
N GLN A 50 25.09 -1.96 17.40
CA GLN A 50 24.91 -1.12 18.57
C GLN A 50 24.20 0.18 18.18
N GLY A 51 23.24 0.58 19.01
CA GLY A 51 22.55 1.83 18.76
C GLY A 51 21.54 1.81 17.63
N ARG A 52 21.28 0.67 17.00
CA ARG A 52 20.33 0.56 15.92
C ARG A 52 19.18 -0.37 16.31
N VAL A 53 18.10 -0.27 15.56
CA VAL A 53 16.95 -1.16 15.71
C VAL A 53 16.98 -2.21 14.60
N LEU A 54 16.86 -3.48 14.97
CA LEU A 54 16.57 -4.53 14.02
C LEU A 54 15.07 -4.82 14.07
N ALA A 55 14.42 -4.65 12.94
CA ALA A 55 12.98 -4.83 12.79
C ALA A 55 12.71 -5.77 11.63
N PRO A 56 11.52 -6.37 11.58
CA PRO A 56 11.14 -7.10 10.36
C PRO A 56 11.13 -6.16 9.18
N GLY A 57 11.35 -6.72 7.99
CA GLY A 57 11.19 -5.91 6.79
C GLY A 57 9.79 -5.33 6.72
N PHE A 58 9.70 -4.08 6.26
CA PHE A 58 8.40 -3.43 6.22
C PHE A 58 7.54 -3.99 5.11
N ILE A 59 6.24 -4.07 5.37
CA ILE A 59 5.29 -4.66 4.43
C ILE A 59 4.39 -3.54 3.93
N ASP A 60 4.50 -3.21 2.65
CA ASP A 60 3.68 -2.14 2.08
C ASP A 60 2.35 -2.75 1.64
N VAL A 61 1.34 -2.65 2.50
CA VAL A 61 0.08 -3.34 2.24
C VAL A 61 -0.76 -2.65 1.17
N HIS A 62 -0.45 -1.41 0.80
CA HIS A 62 -1.23 -0.71 -0.22
C HIS A 62 -0.32 -0.15 -1.31
N THR A 63 -0.12 -0.92 -2.36
CA THR A 63 0.71 -0.49 -3.47
C THR A 63 -0.04 -0.68 -4.79
N HIS A 64 0.45 0.03 -5.79
CA HIS A 64 0.08 -0.19 -7.17
C HIS A 64 1.33 -0.53 -7.97
N ASP A 65 2.16 -1.41 -7.43
CA ASP A 65 3.43 -1.80 -8.04
C ASP A 65 3.31 -3.00 -8.96
N ASP A 66 2.08 -3.44 -9.24
CA ASP A 66 1.80 -4.66 -10.01
C ASP A 66 2.78 -4.88 -11.15
N ILE A 67 2.89 -3.89 -12.03
CA ILE A 67 3.65 -4.04 -13.25
C ILE A 67 5.04 -3.42 -13.10
N ASN A 68 5.13 -2.37 -12.29
CA ASN A 68 6.39 -1.63 -12.18
C ASN A 68 7.46 -2.43 -11.46
N VAL A 69 7.06 -3.26 -10.50
CA VAL A 69 8.07 -4.08 -9.83
C VAL A 69 8.69 -5.10 -10.81
N ILE A 70 7.94 -5.50 -11.83
CA ILE A 70 8.50 -6.37 -12.86
C ILE A 70 9.39 -5.57 -13.82
N ARG A 71 8.99 -4.35 -14.14
N ARG A 71 8.97 -4.36 -14.16
CA ARG A 71 9.77 -3.54 -15.12
CA ARG A 71 9.74 -3.52 -15.10
C ARG A 71 11.03 -2.99 -14.46
C ARG A 71 11.01 -2.99 -14.46
N MET A 72 10.99 -2.76 -13.15
CA MET A 72 12.15 -2.23 -12.42
C MET A 72 12.34 -3.10 -11.17
N PRO A 73 12.85 -4.33 -11.35
CA PRO A 73 13.03 -5.23 -10.21
C PRO A 73 13.84 -4.65 -9.06
N GLU A 74 14.87 -3.86 -9.35
CA GLU A 74 15.61 -3.17 -8.29
C GLU A 74 14.78 -1.96 -7.87
N TYR A 75 13.73 -2.26 -7.10
CA TYR A 75 12.63 -1.32 -6.87
C TYR A 75 12.98 -0.36 -5.74
N LEU A 76 13.88 0.57 -6.07
CA LEU A 76 14.41 1.53 -5.11
C LEU A 76 13.38 2.32 -4.32
N PRO A 77 12.28 2.83 -4.90
CA PRO A 77 11.37 3.65 -4.09
C PRO A 77 10.90 2.95 -2.82
N LYS A 78 10.67 1.65 -2.88
CA LYS A 78 10.21 0.94 -1.70
C LYS A 78 11.37 0.38 -0.89
N LEU A 79 12.37 -0.19 -1.56
CA LEU A 79 13.47 -0.83 -0.87
C LEU A 79 14.25 0.17 -0.02
N SER A 80 14.49 1.36 -0.54
CA SER A 80 15.21 2.39 0.22
C SER A 80 14.45 2.86 1.45
N GLN A 81 13.15 2.56 1.56
CA GLN A 81 12.37 2.87 2.74
C GLN A 81 12.46 1.79 3.81
N GLY A 82 13.09 0.64 3.51
CA GLY A 82 13.01 -0.53 4.36
C GLY A 82 11.92 -1.53 4.00
N VAL A 83 11.22 -1.31 2.90
CA VAL A 83 10.14 -2.20 2.49
C VAL A 83 10.73 -3.45 1.86
N THR A 84 10.34 -4.63 2.37
CA THR A 84 10.80 -5.89 1.81
C THR A 84 9.68 -6.70 1.13
N THR A 85 8.43 -6.31 1.32
CA THR A 85 7.31 -6.94 0.62
C THR A 85 6.33 -5.86 0.20
N VAL A 86 5.87 -5.92 -1.06
CA VAL A 86 4.80 -5.07 -1.56
C VAL A 86 3.58 -5.94 -1.81
N ILE A 87 2.41 -5.43 -1.43
CA ILE A 87 1.15 -6.07 -1.76
C ILE A 87 0.52 -5.28 -2.89
N VAL A 88 0.35 -5.93 -4.04
CA VAL A 88 -0.11 -5.27 -5.23
C VAL A 88 -1.57 -5.63 -5.49
N GLY A 89 -2.18 -4.97 -6.48
CA GLY A 89 -3.54 -5.26 -6.89
C GLY A 89 -4.62 -4.60 -6.08
N ASN A 90 -4.39 -3.36 -5.63
CA ASN A 90 -5.31 -2.66 -4.74
C ASN A 90 -6.34 -1.83 -5.51
N CYS A 91 -7.32 -1.32 -4.75
CA CYS A 91 -8.37 -0.42 -5.25
C CYS A 91 -9.10 -0.98 -6.46
N GLY A 92 -9.28 -2.29 -6.51
CA GLY A 92 -10.04 -2.91 -7.57
C GLY A 92 -9.29 -3.16 -8.86
N ILE A 93 -7.98 -2.86 -8.91
CA ILE A 93 -7.21 -2.95 -10.15
C ILE A 93 -5.97 -3.80 -9.88
N SER A 94 -5.80 -4.85 -10.68
CA SER A 94 -4.65 -5.72 -10.54
C SER A 94 -4.21 -6.14 -11.92
N ALA A 95 -2.89 -6.30 -12.08
CA ALA A 95 -2.39 -6.91 -13.31
C ALA A 95 -2.73 -8.41 -13.36
N ALA A 96 -2.57 -9.10 -12.24
CA ALA A 96 -2.85 -10.54 -12.19
C ALA A 96 -4.31 -10.81 -12.55
N THR A 97 -4.51 -11.76 -13.46
CA THR A 97 -5.79 -12.20 -14.02
C THR A 97 -6.41 -11.22 -15.03
N ALA A 98 -5.82 -10.04 -15.24
CA ALA A 98 -6.46 -9.05 -16.10
C ALA A 98 -6.19 -9.35 -17.56
N THR A 99 -7.25 -9.51 -18.33
CA THR A 99 -7.22 -9.59 -19.78
C THR A 99 -7.85 -8.32 -20.33
N MET A 100 -7.20 -7.71 -21.32
CA MET A 100 -7.68 -6.49 -21.97
C MET A 100 -8.20 -6.84 -23.35
N ARG A 101 -9.51 -6.92 -23.51
CA ARG A 101 -10.13 -7.18 -24.80
CA ARG A 101 -10.09 -7.18 -24.82
C ARG A 101 -10.30 -5.90 -25.61
N GLY A 102 -9.80 -4.78 -25.12
CA GLY A 102 -9.92 -3.50 -25.80
C GLY A 102 -9.32 -2.38 -24.96
N GLU A 103 -10.02 -1.25 -24.88
CA GLU A 103 -9.51 -0.12 -24.13
CA GLU A 103 -9.51 -0.12 -24.13
C GLU A 103 -9.28 -0.50 -22.67
N VAL A 104 -8.24 0.09 -22.07
CA VAL A 104 -7.93 -0.10 -20.66
C VAL A 104 -8.83 0.80 -19.85
N PRO A 105 -9.64 0.26 -18.93
CA PRO A 105 -10.57 1.10 -18.18
C PRO A 105 -9.89 1.79 -17.00
N ASP A 106 -10.23 3.07 -16.83
CA ASP A 106 -9.81 3.80 -15.64
CA ASP A 106 -9.79 3.79 -15.64
C ASP A 106 -10.25 3.03 -14.40
N PRO A 107 -9.42 2.92 -13.38
CA PRO A 107 -8.05 3.45 -13.35
C PRO A 107 -6.97 2.38 -13.56
N MET A 108 -7.23 1.31 -14.33
CA MET A 108 -6.18 0.33 -14.59
C MET A 108 -4.96 0.98 -15.24
N ASN A 109 -5.14 2.14 -15.87
CA ASN A 109 -4.03 2.85 -16.51
C ASN A 109 -3.00 3.33 -15.50
N LEU A 110 -3.34 3.34 -14.20
CA LEU A 110 -2.33 3.64 -13.18
C LEU A 110 -1.19 2.63 -13.21
N LEU A 111 -1.47 1.39 -13.62
CA LEU A 111 -0.48 0.32 -13.60
C LEU A 111 0.35 0.26 -14.88
N GLY A 112 -0.29 0.45 -16.03
CA GLY A 112 0.39 0.35 -17.29
C GLY A 112 -0.62 0.41 -18.43
N GLU A 113 -0.12 0.18 -19.64
CA GLU A 113 -0.96 0.27 -20.84
CA GLU A 113 -0.95 0.28 -20.83
C GLU A 113 -1.43 -1.10 -21.26
N GLN A 114 -2.38 -1.13 -22.20
CA GLN A 114 -2.98 -2.37 -22.64
C GLN A 114 -1.96 -3.49 -22.82
N GLN A 115 -0.83 -3.18 -23.47
CA GLN A 115 0.13 -4.21 -23.85
C GLN A 115 0.83 -4.82 -22.64
N HIS A 116 0.78 -4.16 -21.48
CA HIS A 116 1.46 -4.67 -20.29
C HIS A 116 0.63 -5.70 -19.53
N PHE A 117 -0.65 -5.85 -19.84
CA PHE A 117 -1.52 -6.78 -19.09
C PHE A 117 -1.46 -8.16 -19.74
N ILE A 118 -0.36 -8.87 -19.46
CA ILE A 118 -0.12 -10.18 -20.06
C ILE A 118 -0.07 -11.27 -19.00
N TYR A 119 -0.87 -11.17 -17.95
CA TYR A 119 -0.85 -12.12 -16.83
C TYR A 119 -2.27 -12.60 -16.57
N PRO A 120 -2.78 -13.49 -17.41
CA PRO A 120 -4.20 -13.90 -17.30
C PRO A 120 -4.50 -14.78 -16.09
N THR A 121 -3.49 -15.31 -15.41
CA THR A 121 -3.67 -16.02 -14.14
C THR A 121 -2.68 -15.51 -13.12
N VAL A 122 -3.00 -15.76 -11.84
CA VAL A 122 -2.06 -15.51 -10.76
C VAL A 122 -0.78 -16.30 -11.00
N GLU A 123 -0.91 -17.55 -11.45
CA GLU A 123 0.26 -18.36 -11.74
C GLU A 123 1.17 -17.65 -12.75
N ALA A 124 0.59 -17.17 -13.85
CA ALA A 124 1.39 -16.46 -14.87
C ALA A 124 2.05 -15.22 -14.29
N TYR A 125 1.34 -14.48 -13.43
CA TYR A 125 1.92 -13.31 -12.78
C TYR A 125 3.06 -13.71 -11.84
N ALA A 126 2.86 -14.77 -11.06
CA ALA A 126 3.89 -15.23 -10.12
C ALA A 126 5.19 -15.55 -10.84
N HIS A 127 5.11 -16.32 -11.92
CA HIS A 127 6.35 -16.68 -12.62
C HIS A 127 6.97 -15.48 -13.31
N ALA A 128 6.15 -14.52 -13.76
CA ALA A 128 6.71 -13.32 -14.35
C ALA A 128 7.46 -12.50 -13.31
N VAL A 129 6.89 -12.36 -12.11
CA VAL A 129 7.61 -11.71 -11.02
C VAL A 129 8.97 -12.38 -10.82
N GLU A 130 8.99 -13.70 -10.64
N GLU A 130 8.98 -13.70 -10.63
CA GLU A 130 10.24 -14.35 -10.29
CA GLU A 130 10.24 -14.37 -10.31
C GLU A 130 11.23 -14.36 -11.46
C GLU A 130 11.23 -14.27 -11.46
N ALA A 131 10.73 -14.32 -12.70
CA ALA A 131 11.64 -14.16 -13.84
C ALA A 131 12.33 -12.82 -13.81
N ALA A 132 11.69 -11.79 -13.24
CA ALA A 132 12.29 -10.47 -13.17
C ALA A 132 13.32 -10.35 -12.04
N ARG A 133 13.30 -11.27 -11.07
N ARG A 133 13.31 -11.28 -11.07
CA ARG A 133 14.27 -11.29 -9.97
CA ARG A 133 14.26 -11.29 -9.97
C ARG A 133 14.20 -9.99 -9.17
C ARG A 133 14.19 -9.98 -9.19
N PRO A 134 13.05 -9.66 -8.58
CA PRO A 134 12.93 -8.39 -7.87
C PRO A 134 13.74 -8.40 -6.58
N SER A 135 13.99 -7.20 -6.06
CA SER A 135 14.77 -7.02 -4.84
C SER A 135 13.94 -7.12 -3.58
N LEU A 136 12.61 -7.10 -3.69
CA LEU A 136 11.72 -7.33 -2.57
C LEU A 136 10.63 -8.30 -2.98
N ASN A 137 9.91 -8.81 -1.99
CA ASN A 137 8.87 -9.78 -2.27
C ASN A 137 7.59 -9.10 -2.79
N VAL A 138 6.76 -9.89 -3.48
CA VAL A 138 5.51 -9.44 -4.07
C VAL A 138 4.42 -10.43 -3.74
N GLY A 139 3.31 -9.94 -3.18
CA GLY A 139 2.05 -10.67 -3.14
C GLY A 139 0.93 -9.86 -3.77
N THR A 140 -0.11 -10.51 -4.28
CA THR A 140 -1.13 -9.78 -5.04
C THR A 140 -2.53 -10.04 -4.52
N LEU A 141 -3.31 -8.98 -4.39
CA LEU A 141 -4.74 -9.10 -4.36
C LEU A 141 -5.28 -9.18 -5.80
N ILE A 142 -6.54 -9.59 -5.92
CA ILE A 142 -7.22 -9.63 -7.22
C ILE A 142 -8.14 -8.41 -7.32
N GLY A 143 -8.03 -7.67 -8.41
CA GLY A 143 -8.79 -6.44 -8.59
C GLY A 143 -10.23 -6.65 -9.03
N HIS A 144 -11.19 -6.21 -8.22
CA HIS A 144 -12.61 -6.40 -8.57
C HIS A 144 -12.91 -5.86 -9.96
N THR A 145 -12.47 -4.63 -10.24
CA THR A 145 -12.71 -4.02 -11.54
C THR A 145 -12.04 -4.78 -12.68
N ALA A 146 -10.85 -5.31 -12.43
CA ALA A 146 -10.22 -6.16 -13.44
C ALA A 146 -11.06 -7.41 -13.73
N LEU A 147 -11.63 -8.03 -12.69
CA LEU A 147 -12.56 -9.14 -12.88
C LEU A 147 -13.80 -8.68 -13.65
N ARG A 148 -14.42 -7.58 -13.22
CA ARG A 148 -15.55 -7.01 -13.97
C ARG A 148 -15.19 -6.93 -15.45
N ASN A 149 -14.02 -6.36 -15.74
CA ASN A 149 -13.64 -6.12 -17.13
C ASN A 149 -13.44 -7.42 -17.90
N ASN A 150 -12.96 -8.47 -17.23
CA ASN A 150 -12.82 -9.77 -17.89
C ASN A 150 -14.16 -10.33 -18.29
N HIS A 151 -15.25 -9.96 -17.61
CA HIS A 151 -16.50 -10.69 -17.75
C HIS A 151 -17.67 -9.87 -18.29
N MET A 152 -17.54 -8.56 -18.37
CA MET A 152 -18.64 -7.70 -18.75
C MET A 152 -18.32 -6.99 -20.06
N ASP A 153 -19.30 -6.88 -20.95
CA ASP A 153 -19.12 -6.12 -22.18
C ASP A 153 -19.05 -4.60 -21.91
N ASP A 154 -19.71 -4.13 -20.87
CA ASP A 154 -19.57 -2.74 -20.45
CA ASP A 154 -19.61 -2.74 -20.45
C ASP A 154 -19.65 -2.67 -18.94
N LEU A 155 -18.87 -1.75 -18.37
CA LEU A 155 -18.67 -1.66 -16.93
C LEU A 155 -19.67 -0.79 -16.20
N PHE A 156 -20.44 0.05 -16.90
CA PHE A 156 -21.18 1.14 -16.26
C PHE A 156 -22.61 0.77 -15.94
N ARG A 157 -22.78 -0.43 -15.40
CA ARG A 157 -24.07 -0.97 -15.04
C ARG A 157 -23.87 -2.06 -14.01
N PRO A 158 -24.92 -2.47 -13.31
CA PRO A 158 -24.80 -3.68 -12.49
C PRO A 158 -24.49 -4.86 -13.40
N ALA A 159 -23.74 -5.82 -12.86
CA ALA A 159 -23.47 -7.05 -13.60
C ALA A 159 -24.66 -8.00 -13.47
N ASN A 160 -24.83 -8.86 -14.47
CA ASN A 160 -25.88 -9.88 -14.40
C ASN A 160 -25.34 -11.13 -13.71
N GLU A 161 -26.25 -12.09 -13.46
N GLU A 161 -26.21 -12.13 -13.51
CA GLU A 161 -25.87 -13.30 -12.73
CA GLU A 161 -25.82 -13.27 -12.68
C GLU A 161 -24.73 -14.02 -13.43
C GLU A 161 -24.87 -14.22 -13.39
N THR A 162 -24.89 -14.27 -14.73
CA THR A 162 -23.89 -15.03 -15.48
C THR A 162 -22.51 -14.38 -15.37
N GLU A 163 -22.44 -13.06 -15.48
CA GLU A 163 -21.17 -12.36 -15.31
C GLU A 163 -20.63 -12.54 -13.90
N ILE A 164 -21.51 -12.48 -12.90
CA ILE A 164 -21.03 -12.59 -11.52
C ILE A 164 -20.59 -14.02 -11.23
N ALA A 165 -21.30 -15.02 -11.76
CA ALA A 165 -20.89 -16.41 -11.54
C ALA A 165 -19.51 -16.67 -12.12
N GLY A 166 -19.25 -16.16 -13.33
CA GLY A 166 -17.93 -16.26 -13.91
C GLY A 166 -16.86 -15.62 -13.04
N MET A 167 -17.14 -14.42 -12.50
CA MET A 167 -16.17 -13.74 -11.66
CA MET A 167 -16.14 -13.77 -11.69
C MET A 167 -15.84 -14.56 -10.42
N ARG A 168 -16.86 -15.19 -9.82
CA ARG A 168 -16.62 -16.05 -8.65
C ARG A 168 -15.63 -17.16 -9.00
N VAL A 169 -15.83 -17.83 -10.13
CA VAL A 169 -14.96 -18.95 -10.51
C VAL A 169 -13.53 -18.46 -10.78
N GLN A 170 -13.39 -17.34 -11.47
CA GLN A 170 -12.05 -16.84 -11.77
C GLN A 170 -11.32 -16.41 -10.49
N LEU A 171 -12.04 -15.77 -9.57
CA LEU A 171 -11.42 -15.40 -8.30
C LEU A 171 -11.03 -16.64 -7.49
N ARG A 172 -11.89 -17.67 -7.52
CA ARG A 172 -11.60 -18.89 -6.79
C ARG A 172 -10.27 -19.49 -7.26
N ASP A 173 -10.09 -19.57 -8.57
CA ASP A 173 -8.84 -20.12 -9.12
CA ASP A 173 -8.85 -20.12 -9.11
C ASP A 173 -7.65 -19.26 -8.73
N ALA A 174 -7.83 -17.94 -8.69
CA ALA A 174 -6.74 -17.06 -8.29
C ALA A 174 -6.39 -17.26 -6.82
N LEU A 175 -7.38 -17.42 -5.95
CA LEU A 175 -7.08 -17.63 -4.55
C LEU A 175 -6.41 -18.99 -4.34
N ARG A 176 -6.81 -19.99 -5.14
CA ARG A 176 -6.13 -21.28 -5.11
C ARG A 176 -4.67 -21.16 -5.51
N GLN A 177 -4.34 -20.19 -6.35
CA GLN A 177 -2.96 -20.04 -6.79
C GLN A 177 -2.18 -19.09 -5.89
N GLY A 178 -2.76 -18.67 -4.77
CA GLY A 178 -2.03 -17.94 -3.76
C GLY A 178 -2.38 -16.47 -3.61
N ALA A 179 -3.38 -15.96 -4.34
CA ALA A 179 -3.78 -14.57 -4.17
C ALA A 179 -4.18 -14.31 -2.73
N LEU A 180 -3.99 -13.07 -2.29
CA LEU A 180 -4.19 -12.73 -0.88
C LEU A 180 -5.62 -12.29 -0.59
N GLY A 181 -6.43 -12.07 -1.61
CA GLY A 181 -7.80 -11.64 -1.41
C GLY A 181 -8.26 -10.78 -2.57
N LEU A 182 -9.30 -10.01 -2.29
CA LEU A 182 -10.02 -9.25 -3.30
C LEU A 182 -10.00 -7.78 -2.91
N SER A 183 -9.62 -6.92 -3.85
CA SER A 183 -9.70 -5.48 -3.63
C SER A 183 -10.84 -4.89 -4.46
N THR A 184 -11.49 -3.87 -3.89
CA THR A 184 -12.47 -3.08 -4.63
C THR A 184 -12.06 -1.63 -4.68
N GLY A 185 -12.51 -0.95 -5.73
CA GLY A 185 -12.39 0.49 -5.86
C GLY A 185 -13.73 1.04 -6.31
N LEU A 186 -14.68 1.07 -5.38
CA LEU A 186 -16.08 1.28 -5.73
C LEU A 186 -16.39 2.74 -6.04
N ALA A 187 -15.53 3.68 -5.68
CA ALA A 187 -15.78 5.07 -6.03
C ALA A 187 -15.49 5.36 -7.50
N TYR A 188 -14.71 4.51 -8.17
CA TYR A 188 -14.38 4.75 -9.57
C TYR A 188 -15.56 4.42 -10.47
N ALA A 189 -15.71 5.23 -11.52
CA ALA A 189 -16.82 5.05 -12.44
C ALA A 189 -16.95 3.62 -12.93
N SER A 190 -15.84 2.91 -13.12
CA SER A 190 -15.92 1.59 -13.75
C SER A 190 -16.43 0.52 -12.80
N ALA A 191 -16.52 0.81 -11.50
CA ALA A 191 -17.11 -0.10 -10.54
C ALA A 191 -18.26 0.53 -9.75
N PHE A 192 -18.48 1.83 -9.88
CA PHE A 192 -19.50 2.50 -9.08
C PHE A 192 -20.88 1.92 -9.31
N GLN A 193 -21.16 1.39 -10.50
CA GLN A 193 -22.51 0.88 -10.76
C GLN A 193 -22.72 -0.53 -10.21
N SER A 194 -21.69 -1.18 -9.68
CA SER A 194 -21.89 -2.49 -9.08
C SER A 194 -22.77 -2.39 -7.84
N THR A 195 -23.60 -3.39 -7.64
CA THR A 195 -24.41 -3.46 -6.43
C THR A 195 -23.60 -4.08 -5.29
N THR A 196 -24.06 -3.86 -4.06
CA THR A 196 -23.46 -4.56 -2.93
C THR A 196 -23.58 -6.07 -3.09
N GLU A 197 -24.65 -6.54 -3.73
CA GLU A 197 -24.83 -7.99 -3.94
C GLU A 197 -23.69 -8.55 -4.78
N GLU A 198 -23.34 -7.88 -5.87
CA GLU A 198 -22.26 -8.35 -6.73
C GLU A 198 -20.97 -8.53 -5.94
N VAL A 199 -20.60 -7.53 -5.15
CA VAL A 199 -19.39 -7.61 -4.35
C VAL A 199 -19.50 -8.71 -3.31
N MET A 200 -20.69 -8.85 -2.70
CA MET A 200 -20.93 -9.92 -1.74
C MET A 200 -20.65 -11.29 -2.34
N ALA A 201 -21.07 -11.49 -3.59
CA ALA A 201 -20.84 -12.77 -4.25
C ALA A 201 -19.34 -13.07 -4.33
N LEU A 202 -18.53 -12.06 -4.69
CA LEU A 202 -17.10 -12.30 -4.81
C LEU A 202 -16.45 -12.46 -3.44
N ALA A 203 -16.85 -11.64 -2.48
CA ALA A 203 -16.29 -11.76 -1.13
C ALA A 203 -16.56 -13.13 -0.52
N GLU A 204 -17.57 -13.84 -1.00
CA GLU A 204 -17.85 -15.17 -0.45
C GLU A 204 -16.72 -16.14 -0.78
N GLU A 205 -16.03 -15.94 -1.91
CA GLU A 205 -14.88 -16.78 -2.22
C GLU A 205 -13.78 -16.66 -1.17
N LEU A 206 -13.83 -15.62 -0.33
CA LEU A 206 -12.77 -15.37 0.65
C LEU A 206 -13.00 -16.08 1.98
N ALA A 207 -14.16 -16.70 2.17
CA ALA A 207 -14.51 -17.23 3.47
C ALA A 207 -13.57 -18.40 3.84
N ALA A 208 -13.61 -18.77 5.11
CA ALA A 208 -12.83 -19.91 5.61
C ALA A 208 -11.34 -19.65 5.45
N GLY A 209 -10.93 -18.39 5.62
CA GLY A 209 -9.53 -18.04 5.59
C GLY A 209 -8.91 -17.92 4.22
N LYS A 210 -9.71 -17.94 3.15
CA LYS A 210 -9.13 -17.89 1.81
C LYS A 210 -8.74 -16.48 1.35
N GLY A 211 -8.90 -15.45 2.18
CA GLY A 211 -8.35 -14.15 1.83
C GLY A 211 -9.00 -13.05 2.64
N VAL A 212 -8.60 -11.81 2.32
CA VAL A 212 -9.12 -10.62 2.98
C VAL A 212 -9.85 -9.77 1.95
N TYR A 213 -10.93 -9.11 2.37
CA TYR A 213 -11.61 -8.13 1.53
C TYR A 213 -11.03 -6.74 1.80
N THR A 214 -10.37 -6.16 0.82
CA THR A 214 -9.84 -4.79 0.94
C THR A 214 -10.63 -3.87 0.02
N THR A 215 -10.90 -2.66 0.48
CA THR A 215 -11.83 -1.81 -0.25
C THR A 215 -11.40 -0.35 -0.22
N HIS A 216 -11.25 0.21 -1.40
CA HIS A 216 -11.44 1.63 -1.59
C HIS A 216 -12.94 1.87 -1.52
N LEU A 217 -13.39 2.59 -0.49
CA LEU A 217 -14.82 2.76 -0.22
C LEU A 217 -15.57 3.38 -1.40
N ARG A 218 -16.87 3.09 -1.47
CA ARG A 218 -17.69 3.69 -2.50
C ARG A 218 -17.67 5.21 -2.43
N SER A 219 -17.39 5.77 -1.24
CA SER A 219 -17.21 7.20 -1.08
C SER A 219 -16.32 7.47 0.12
N GLU A 220 -15.40 8.41 -0.02
CA GLU A 220 -14.59 8.88 1.10
C GLU A 220 -14.96 10.31 1.50
N PHE A 221 -16.16 10.75 1.15
CA PHE A 221 -16.61 12.11 1.40
C PHE A 221 -17.84 12.11 2.31
N GLU A 222 -18.87 12.89 1.99
CA GLU A 222 -20.00 13.03 2.91
CA GLU A 222 -19.99 13.04 2.91
C GLU A 222 -20.62 11.69 3.29
N PRO A 223 -20.97 10.81 2.34
CA PRO A 223 -21.63 9.56 2.73
C PRO A 223 -20.67 8.45 3.14
N ILE A 224 -19.55 8.79 3.77
CA ILE A 224 -18.54 7.77 4.06
C ILE A 224 -19.05 6.76 5.08
N LEU A 225 -19.91 7.17 6.03
CA LEU A 225 -20.46 6.20 6.98
C LEU A 225 -21.31 5.17 6.26
N GLU A 226 -22.13 5.61 5.29
CA GLU A 226 -22.89 4.67 4.49
CA GLU A 226 -22.89 4.67 4.49
C GLU A 226 -21.97 3.70 3.75
N ALA A 227 -20.87 4.23 3.18
CA ALA A 227 -19.92 3.39 2.47
C ALA A 227 -19.20 2.46 3.43
N LEU A 228 -18.86 2.94 4.62
CA LEU A 228 -18.30 2.05 5.62
C LEU A 228 -19.28 0.95 5.98
N ASP A 229 -20.56 1.30 6.12
CA ASP A 229 -21.58 0.32 6.47
C ASP A 229 -21.70 -0.77 5.40
N GLU A 230 -21.63 -0.39 4.12
CA GLU A 230 -21.64 -1.37 3.05
C GLU A 230 -20.45 -2.31 3.13
N ALA A 231 -19.24 -1.77 3.32
CA ALA A 231 -18.08 -2.64 3.45
C ALA A 231 -18.28 -3.68 4.55
N PHE A 232 -18.73 -3.23 5.73
CA PHE A 232 -18.90 -4.15 6.85
C PHE A 232 -19.98 -5.19 6.56
N ARG A 233 -21.07 -4.78 5.90
CA ARG A 233 -22.12 -5.70 5.50
C ARG A 233 -21.57 -6.77 4.55
N ILE A 234 -20.73 -6.36 3.60
CA ILE A 234 -20.11 -7.33 2.71
C ILE A 234 -19.27 -8.29 3.54
N GLY A 235 -18.55 -7.76 4.52
CA GLY A 235 -17.77 -8.61 5.40
C GLY A 235 -18.64 -9.60 6.17
N ARG A 236 -19.80 -9.15 6.65
CA ARG A 236 -20.66 -10.06 7.41
C ARG A 236 -21.33 -11.08 6.51
N HIS A 237 -21.67 -10.72 5.27
CA HIS A 237 -22.34 -11.67 4.38
C HIS A 237 -21.43 -12.84 4.07
N GLY A 238 -20.20 -12.55 3.64
CA GLY A 238 -19.24 -13.59 3.34
C GLY A 238 -18.58 -14.21 4.54
N ASN A 239 -18.66 -13.55 5.70
CA ASN A 239 -17.89 -13.92 6.89
C ASN A 239 -16.38 -13.86 6.60
N VAL A 240 -15.95 -12.67 6.19
CA VAL A 240 -14.57 -12.44 5.76
C VAL A 240 -14.04 -11.18 6.42
N PRO A 241 -12.75 -11.11 6.72
CA PRO A 241 -12.20 -9.89 7.30
C PRO A 241 -12.14 -8.76 6.27
N VAL A 242 -12.27 -7.53 6.77
CA VAL A 242 -12.32 -6.34 5.94
C VAL A 242 -11.12 -5.46 6.25
N VAL A 243 -10.51 -4.90 5.21
CA VAL A 243 -9.52 -3.83 5.36
C VAL A 243 -10.02 -2.63 4.57
N VAL A 244 -10.18 -1.50 5.24
CA VAL A 244 -10.54 -0.25 4.56
C VAL A 244 -9.25 0.41 4.10
N SER A 245 -9.09 0.50 2.78
CA SER A 245 -7.87 1.05 2.19
C SER A 245 -7.80 2.55 2.40
N HIS A 246 -6.56 3.04 2.50
CA HIS A 246 -6.23 4.46 2.70
C HIS A 246 -7.38 5.22 3.36
N HIS A 247 -7.77 4.81 4.56
CA HIS A 247 -8.88 5.45 5.25
C HIS A 247 -8.56 6.92 5.50
N LYS A 248 -9.50 7.79 5.09
CA LYS A 248 -9.38 9.24 5.21
C LYS A 248 -10.78 9.82 5.20
N CYS A 249 -10.90 11.04 5.70
CA CYS A 249 -12.09 11.87 5.53
C CYS A 249 -11.71 13.05 4.63
N ALA A 250 -12.04 12.95 3.34
CA ALA A 250 -11.59 13.91 2.35
C ALA A 250 -12.60 15.03 2.18
N GLY A 251 -12.11 16.24 1.87
CA GLY A 251 -12.98 17.37 1.67
C GLY A 251 -13.19 18.18 2.94
N ALA A 252 -13.16 19.51 2.80
CA ALA A 252 -13.25 20.39 3.95
C ALA A 252 -14.48 20.10 4.81
N LYS A 253 -15.60 19.74 4.18
CA LYS A 253 -16.83 19.46 4.92
CA LYS A 253 -16.82 19.47 4.93
C LYS A 253 -16.72 18.23 5.81
N ASN A 254 -15.76 17.36 5.57
CA ASN A 254 -15.63 16.14 6.35
C ASN A 254 -14.47 16.17 7.33
N TRP A 255 -13.81 17.31 7.49
CA TRP A 255 -12.70 17.41 8.41
C TRP A 255 -13.19 17.19 9.84
N GLY A 256 -12.43 16.41 10.61
CA GLY A 256 -12.82 16.05 11.95
C GLY A 256 -13.66 14.80 12.06
N ARG A 257 -14.19 14.30 10.95
CA ARG A 257 -15.16 13.22 11.03
C ARG A 257 -14.53 11.84 11.23
N THR A 258 -13.20 11.72 11.25
CA THR A 258 -12.64 10.43 11.67
C THR A 258 -13.08 10.09 13.09
N LYS A 259 -13.45 11.10 13.90
CA LYS A 259 -14.08 10.81 15.18
C LYS A 259 -15.33 9.97 15.00
N GLU A 260 -16.06 10.18 13.90
CA GLU A 260 -17.26 9.39 13.61
C GLU A 260 -16.89 8.04 13.01
N THR A 261 -16.00 8.03 12.02
CA THR A 261 -15.68 6.78 11.35
C THR A 261 -15.03 5.80 12.31
N LEU A 262 -14.05 6.27 13.08
CA LEU A 262 -13.37 5.35 13.99
C LEU A 262 -14.31 4.88 15.09
N ALA A 263 -15.27 5.72 15.49
CA ALA A 263 -16.31 5.27 16.40
C ALA A 263 -17.13 4.15 15.77
N PHE A 264 -17.42 4.27 14.48
CA PHE A 264 -18.12 3.21 13.79
C PHE A 264 -17.28 1.94 13.78
N PHE A 265 -15.97 2.06 13.55
CA PHE A 265 -15.09 0.90 13.59
C PHE A 265 -15.15 0.23 14.96
N ASP A 266 -14.99 1.02 16.02
CA ASP A 266 -15.08 0.50 17.39
C ASP A 266 -16.33 -0.33 17.58
N GLU A 267 -17.47 0.24 17.19
CA GLU A 267 -18.75 -0.44 17.35
C GLU A 267 -18.77 -1.76 16.59
N MET A 268 -18.35 -1.75 15.33
CA MET A 268 -18.52 -2.91 14.47
C MET A 268 -17.44 -3.96 14.68
N ARG A 269 -16.25 -3.57 15.11
CA ARG A 269 -15.25 -4.57 15.41
C ARG A 269 -15.64 -5.46 16.59
N GLN A 270 -16.70 -5.12 17.33
CA GLN A 270 -17.17 -6.01 18.39
C GLN A 270 -17.86 -7.25 17.84
N GLN A 271 -18.30 -7.24 16.58
CA GLN A 271 -18.96 -8.40 16.01
CA GLN A 271 -18.98 -8.39 16.00
C GLN A 271 -18.27 -8.95 14.77
N GLN A 272 -17.25 -8.28 14.22
CA GLN A 272 -16.58 -8.79 13.03
C GLN A 272 -15.16 -8.27 12.97
N ASP A 273 -14.36 -8.89 12.09
CA ASP A 273 -12.93 -8.57 11.95
CA ASP A 273 -12.94 -8.57 11.95
C ASP A 273 -12.77 -7.44 10.93
N ILE A 274 -12.30 -6.28 11.41
CA ILE A 274 -12.11 -5.10 10.58
C ILE A 274 -10.77 -4.46 10.92
N ALA A 275 -10.05 -4.01 9.89
CA ALA A 275 -8.88 -3.18 10.07
C ALA A 275 -8.90 -2.15 8.96
N CYS A 276 -7.80 -1.41 8.83
CA CYS A 276 -7.66 -0.43 7.76
C CYS A 276 -6.19 -0.07 7.60
N ASP A 277 -5.88 0.63 6.51
CA ASP A 277 -4.54 1.23 6.37
C ASP A 277 -4.70 2.70 5.99
N CYS A 278 -3.59 3.43 6.06
CA CYS A 278 -3.61 4.84 5.70
C CYS A 278 -2.21 5.25 5.29
N TYR A 279 -2.16 6.30 4.47
CA TYR A 279 -0.82 6.85 4.28
C TYR A 279 -0.64 8.08 5.15
N PRO A 280 0.57 8.28 5.65
CA PRO A 280 0.84 9.26 6.70
C PRO A 280 1.05 10.69 6.20
N TYR A 281 0.10 11.18 5.39
CA TYR A 281 0.10 12.57 4.93
C TYR A 281 -1.32 13.11 4.90
N SER A 282 -1.45 14.43 5.04
CA SER A 282 -2.75 15.09 5.03
C SER A 282 -3.02 15.87 3.75
N ALA A 283 -2.23 15.63 2.70
CA ALA A 283 -2.48 16.17 1.38
C ALA A 283 -2.57 15.00 0.42
N SER A 284 -3.48 15.09 -0.55
CA SER A 284 -3.56 14.14 -1.64
C SER A 284 -2.92 14.75 -2.89
N SER A 285 -2.88 13.98 -3.96
CA SER A 285 -2.18 14.41 -5.16
C SER A 285 -2.78 13.68 -6.36
N SER A 286 -3.10 14.43 -7.41
CA SER A 286 -3.82 13.86 -8.54
C SER A 286 -3.69 14.82 -9.71
N THR A 287 -4.31 14.46 -10.84
CA THR A 287 -4.46 15.41 -11.93
C THR A 287 -5.28 16.61 -11.47
N LEU A 288 -5.02 17.76 -12.08
CA LEU A 288 -5.85 18.92 -11.85
C LEU A 288 -7.16 18.72 -12.61
N ASP A 289 -8.27 18.67 -11.87
CA ASP A 289 -9.57 18.44 -12.45
CA ASP A 289 -9.59 18.42 -12.43
C ASP A 289 -10.53 19.55 -12.04
N MET A 290 -11.30 20.03 -13.03
CA MET A 290 -12.17 21.17 -12.81
C MET A 290 -13.12 20.94 -11.64
N LYS A 291 -13.57 19.69 -11.46
CA LYS A 291 -14.52 19.37 -10.39
CA LYS A 291 -14.53 19.40 -10.39
C LYS A 291 -13.90 19.49 -9.00
N GLN A 292 -12.57 19.40 -8.90
N GLN A 292 -12.58 19.41 -8.91
CA GLN A 292 -11.90 19.48 -7.62
CA GLN A 292 -11.91 19.49 -7.61
C GLN A 292 -11.55 20.91 -7.22
C GLN A 292 -11.40 20.88 -7.29
N VAL A 293 -11.73 21.88 -8.11
CA VAL A 293 -11.28 23.26 -7.86
C VAL A 293 -12.09 23.87 -6.73
N THR A 294 -11.39 24.47 -5.77
CA THR A 294 -12.05 25.10 -4.63
C THR A 294 -11.09 26.13 -4.03
N ASP A 295 -11.66 27.08 -3.29
CA ASP A 295 -10.84 28.02 -2.54
C ASP A 295 -10.73 27.63 -1.07
N GLU A 296 -11.14 26.41 -0.72
CA GLU A 296 -11.17 25.95 0.67
C GLU A 296 -9.80 25.57 1.22
N PHE A 297 -8.82 25.30 0.37
CA PHE A 297 -7.50 24.92 0.83
C PHE A 297 -6.55 25.08 -0.33
N ASP A 298 -5.25 25.04 -0.02
CA ASP A 298 -4.24 25.13 -1.07
C ASP A 298 -4.39 24.00 -2.08
N ILE A 299 -4.32 24.37 -3.35
CA ILE A 299 -4.13 23.44 -4.45
C ILE A 299 -2.83 23.86 -5.10
N VAL A 300 -1.84 22.97 -5.08
CA VAL A 300 -0.48 23.32 -5.50
C VAL A 300 -0.16 22.56 -6.77
N ILE A 301 0.27 23.29 -7.79
CA ILE A 301 0.50 22.67 -9.09
C ILE A 301 1.81 21.92 -9.04
N THR A 302 1.79 20.65 -9.43
CA THR A 302 3.02 19.87 -9.48
C THR A 302 3.67 19.94 -10.86
N TRP A 303 2.86 19.97 -11.92
CA TRP A 303 3.36 20.11 -13.28
C TRP A 303 2.23 20.61 -14.15
N SER A 304 2.58 21.23 -15.27
CA SER A 304 1.57 21.70 -16.21
C SER A 304 2.14 21.65 -17.63
N GLU A 305 1.49 20.86 -18.49
CA GLU A 305 1.88 20.87 -19.90
C GLU A 305 1.65 22.25 -20.51
N ALA A 306 0.51 22.88 -20.20
CA ALA A 306 0.16 24.14 -20.86
C ALA A 306 1.05 25.28 -20.39
N GLN A 307 1.39 25.33 -19.10
CA GLN A 307 2.16 26.43 -18.52
C GLN A 307 3.16 25.87 -17.52
N PRO A 308 4.23 25.21 -18.01
CA PRO A 308 5.06 24.40 -17.12
C PRO A 308 5.75 25.20 -16.02
N GLU A 309 5.92 26.50 -16.19
CA GLU A 309 6.62 27.34 -15.22
C GLU A 309 5.74 27.74 -14.04
N GLN A 310 4.46 27.39 -14.05
CA GLN A 310 3.61 27.69 -12.90
C GLN A 310 3.74 26.66 -11.78
N ALA A 311 4.50 25.58 -11.98
CA ALA A 311 4.56 24.51 -10.99
C ALA A 311 5.20 25.01 -9.70
N GLY A 312 4.66 24.56 -8.57
CA GLY A 312 5.12 25.00 -7.28
C GLY A 312 4.26 26.09 -6.64
N LYS A 313 3.49 26.82 -7.44
CA LYS A 313 2.60 27.86 -6.97
C LYS A 313 1.23 27.28 -6.65
N THR A 314 0.50 27.94 -5.76
CA THR A 314 -0.88 27.55 -5.52
C THR A 314 -1.79 28.06 -6.65
N LEU A 315 -2.87 27.31 -6.90
CA LEU A 315 -3.85 27.71 -7.89
C LEU A 315 -4.30 29.16 -7.66
N GLN A 316 -4.56 29.51 -6.40
CA GLN A 316 -4.96 30.87 -6.06
C GLN A 316 -3.90 31.88 -6.48
N GLN A 317 -2.63 31.63 -6.13
CA GLN A 317 -1.55 32.51 -6.57
C GLN A 317 -1.56 32.67 -8.09
N ILE A 318 -1.71 31.57 -8.81
CA ILE A 318 -1.69 31.62 -10.27
C ILE A 318 -2.87 32.42 -10.79
N ALA A 319 -4.08 32.18 -10.24
CA ALA A 319 -5.24 32.96 -10.63
C ALA A 319 -5.02 34.46 -10.38
N ASP A 320 -4.44 34.79 -9.22
CA ASP A 320 -4.19 36.20 -8.88
C ASP A 320 -3.18 36.83 -9.83
N GLU A 321 -2.07 36.15 -10.07
CA GLU A 321 -1.07 36.65 -11.01
C GLU A 321 -1.68 36.86 -12.39
N TRP A 322 -2.51 35.94 -12.87
CA TRP A 322 -3.14 36.07 -14.17
C TRP A 322 -4.37 36.96 -14.14
N GLN A 323 -4.88 37.30 -12.95
CA GLN A 323 -6.08 38.11 -12.81
C GLN A 323 -7.30 37.41 -13.44
N VAL A 324 -7.47 36.13 -13.12
CA VAL A 324 -8.63 35.36 -13.54
C VAL A 324 -9.16 34.58 -12.35
N SER A 325 -10.28 33.90 -12.58
CA SER A 325 -10.90 33.08 -11.55
C SER A 325 -10.11 31.77 -11.38
N LEU A 326 -10.31 31.13 -10.23
CA LEU A 326 -9.72 29.83 -9.98
C LEU A 326 -10.01 28.85 -11.11
N HIS A 327 -11.27 28.79 -11.55
CA HIS A 327 -11.63 27.85 -12.62
C HIS A 327 -10.94 28.21 -13.92
N ASP A 328 -10.90 29.50 -14.27
CA ASP A 328 -10.23 29.92 -15.49
C ASP A 328 -8.75 29.62 -15.40
N ALA A 329 -8.13 29.87 -14.24
CA ALA A 329 -6.73 29.51 -14.10
C ALA A 329 -6.54 28.00 -14.24
N ALA A 330 -7.46 27.21 -13.66
CA ALA A 330 -7.38 25.75 -13.80
C ALA A 330 -7.40 25.34 -15.26
N ALA A 331 -8.37 25.88 -16.02
CA ALA A 331 -8.47 25.55 -17.45
C ALA A 331 -7.17 25.89 -18.18
N ARG A 332 -6.57 27.03 -17.87
CA ARG A 332 -5.36 27.44 -18.57
C ARG A 332 -4.14 26.61 -18.19
N LEU A 333 -4.19 25.90 -17.07
N LEU A 333 -4.19 25.91 -17.06
CA LEU A 333 -3.09 25.03 -16.67
CA LEU A 333 -3.08 25.04 -16.68
C LEU A 333 -3.19 23.63 -17.25
C LEU A 333 -3.18 23.65 -17.28
N MET A 334 -4.38 23.20 -17.66
CA MET A 334 -4.58 21.80 -17.99
C MET A 334 -3.97 21.45 -19.35
N PRO A 335 -3.49 20.20 -19.51
CA PRO A 335 -3.38 19.14 -18.49
C PRO A 335 -2.34 19.46 -17.44
N ALA A 336 -2.66 19.20 -16.17
CA ALA A 336 -1.76 19.52 -15.08
C ALA A 336 -1.95 18.51 -13.95
N GLY A 337 -1.01 18.53 -13.02
CA GLY A 337 -1.12 17.75 -11.79
C GLY A 337 -1.16 18.69 -10.61
N ALA A 338 -1.82 18.25 -9.54
CA ALA A 338 -1.92 19.12 -8.38
C ALA A 338 -1.90 18.32 -7.09
N ILE A 339 -1.35 18.95 -6.06
CA ILE A 339 -1.49 18.53 -4.68
C ILE A 339 -2.73 19.21 -4.11
N TYR A 340 -3.57 18.45 -3.44
CA TYR A 340 -4.78 18.98 -2.82
C TYR A 340 -4.66 18.84 -1.31
N HIS A 341 -4.61 19.97 -0.60
CA HIS A 341 -4.55 19.94 0.86
C HIS A 341 -5.96 19.76 1.46
N ASN A 342 -6.58 18.63 1.10
CA ASN A 342 -7.99 18.38 1.36
C ASN A 342 -8.23 17.41 2.50
N MET A 343 -7.18 17.10 3.27
CA MET A 343 -7.34 16.35 4.51
C MET A 343 -6.83 17.19 5.68
N ASP A 344 -7.33 16.86 6.87
CA ASP A 344 -6.97 17.55 8.10
C ASP A 344 -5.95 16.71 8.86
N GLU A 345 -4.80 17.32 9.18
CA GLU A 345 -3.74 16.60 9.88
C GLU A 345 -4.23 15.86 11.13
N GLN A 346 -5.19 16.43 11.86
CA GLN A 346 -5.66 15.73 13.06
C GLN A 346 -6.43 14.48 12.70
N ASP A 347 -7.18 14.50 11.61
CA ASP A 347 -7.81 13.27 11.14
C ASP A 347 -6.77 12.22 10.85
N VAL A 348 -5.74 12.58 10.07
CA VAL A 348 -4.72 11.61 9.68
C VAL A 348 -4.07 11.02 10.91
N ARG A 349 -3.81 11.87 11.92
CA ARG A 349 -3.17 11.37 13.14
C ARG A 349 -4.11 10.44 13.90
N ARG A 350 -5.39 10.78 13.99
CA ARG A 350 -6.32 9.89 14.67
C ARG A 350 -6.36 8.53 14.00
N VAL A 351 -6.30 8.51 12.66
CA VAL A 351 -6.36 7.25 11.94
C VAL A 351 -5.06 6.47 12.11
N MET A 352 -3.92 7.18 12.09
CA MET A 352 -2.64 6.51 12.29
C MET A 352 -2.56 5.86 13.66
N ARG A 353 -3.11 6.51 14.69
CA ARG A 353 -3.01 5.97 16.03
C ARG A 353 -4.03 4.86 16.29
N TYR A 354 -5.04 4.72 15.45
CA TYR A 354 -6.06 3.70 15.67
C TYR A 354 -5.39 2.33 15.72
N PRO A 355 -5.73 1.47 16.68
CA PRO A 355 -4.90 0.28 16.95
C PRO A 355 -4.76 -0.69 15.79
N VAL A 356 -5.78 -0.84 14.94
CA VAL A 356 -5.71 -1.78 13.83
C VAL A 356 -5.37 -1.09 12.51
N THR A 357 -4.79 0.10 12.55
CA THR A 357 -4.41 0.80 11.33
C THR A 357 -3.03 0.35 10.90
N MET A 358 -2.93 -0.16 9.67
CA MET A 358 -1.66 -0.46 9.04
C MET A 358 -1.19 0.73 8.21
N ILE A 359 0.12 0.77 7.97
CA ILE A 359 0.71 1.75 7.07
C ILE A 359 0.75 1.19 5.66
N GLY A 360 0.21 1.94 4.71
CA GLY A 360 0.44 1.69 3.31
C GLY A 360 0.81 2.96 2.58
N SER A 361 1.74 2.89 1.63
CA SER A 361 2.20 4.11 0.97
C SER A 361 1.19 4.63 -0.04
N ASP A 362 0.44 3.73 -0.67
CA ASP A 362 -0.42 4.11 -1.78
C ASP A 362 0.39 4.89 -2.81
N GLY A 363 1.64 4.48 -3.01
CA GLY A 363 2.48 5.14 -4.00
C GLY A 363 2.02 4.85 -5.41
N LEU A 364 2.17 5.85 -6.28
CA LEU A 364 1.81 5.76 -7.68
C LEU A 364 3.08 5.88 -8.52
N PRO A 365 3.68 4.76 -8.93
CA PRO A 365 5.02 4.82 -9.53
C PRO A 365 5.07 5.38 -10.95
N ASN A 366 3.94 5.48 -11.65
CA ASN A 366 3.95 6.00 -13.01
C ASN A 366 3.58 7.47 -13.07
N ASP A 367 3.28 8.05 -11.94
CA ASP A 367 2.98 9.47 -11.87
C ASP A 367 4.21 10.29 -12.28
N PRO A 368 4.07 11.28 -13.16
CA PRO A 368 5.25 12.06 -13.57
C PRO A 368 5.89 12.86 -12.44
N MET A 369 5.09 13.35 -11.48
CA MET A 369 5.59 14.05 -10.29
C MET A 369 4.96 13.38 -9.08
N PRO A 370 5.58 12.33 -8.57
CA PRO A 370 4.88 11.48 -7.58
C PRO A 370 4.70 12.16 -6.24
N HIS A 371 3.55 11.89 -5.62
CA HIS A 371 3.36 12.15 -4.20
C HIS A 371 4.50 11.51 -3.41
N PRO A 372 5.11 12.22 -2.46
CA PRO A 372 6.32 11.69 -1.81
C PRO A 372 6.08 10.44 -0.98
N ARG A 373 4.83 10.09 -0.70
CA ARG A 373 4.57 8.84 0.01
C ARG A 373 5.18 7.65 -0.72
N LEU A 374 5.34 7.77 -2.04
CA LEU A 374 5.94 6.71 -2.83
C LEU A 374 7.35 6.39 -2.34
N TRP A 375 8.06 7.40 -1.84
CA TRP A 375 9.43 7.28 -1.36
C TRP A 375 9.59 7.51 0.13
N GLY A 376 8.53 7.88 0.85
CA GLY A 376 8.75 8.32 2.23
C GLY A 376 7.82 7.84 3.31
N ALA A 377 6.75 7.13 2.96
CA ALA A 377 5.71 6.80 3.93
C ALA A 377 6.25 6.12 5.18
N PHE A 378 7.09 5.07 5.01
CA PHE A 378 7.45 4.26 6.17
C PHE A 378 8.44 4.96 7.08
N PRO A 379 9.57 5.49 6.60
CA PRO A 379 10.43 6.29 7.49
C PRO A 379 9.72 7.49 8.06
N ARG A 380 8.68 8.00 7.40
CA ARG A 380 7.93 9.13 7.96
C ARG A 380 7.17 8.71 9.21
N VAL A 381 6.69 7.48 9.25
CA VAL A 381 6.01 7.00 10.44
C VAL A 381 7.02 6.75 11.57
N LEU A 382 8.17 6.18 11.23
CA LEU A 382 9.15 5.83 12.27
C LEU A 382 9.82 7.07 12.83
N GLY A 383 10.09 8.06 11.97
CA GLY A 383 10.84 9.23 12.38
C GLY A 383 9.93 10.37 12.78
N HIS A 384 9.23 10.96 11.81
CA HIS A 384 8.44 12.15 12.08
C HIS A 384 7.34 11.87 13.10
N TYR A 385 6.54 10.82 12.89
CA TYR A 385 5.36 10.65 13.73
C TYR A 385 5.67 9.92 15.05
N SER A 386 6.52 8.90 15.04
CA SER A 386 6.80 8.17 16.28
C SER A 386 7.85 8.90 17.12
N ARG A 387 9.04 9.12 16.56
CA ARG A 387 10.09 9.82 17.30
C ARG A 387 9.70 11.27 17.61
N ASP A 388 9.49 12.08 16.58
CA ASP A 388 9.39 13.53 16.78
C ASP A 388 8.04 13.94 17.36
N GLU A 389 6.93 13.46 16.78
CA GLU A 389 5.64 13.86 17.30
C GLU A 389 5.12 12.96 18.43
N GLN A 390 5.72 11.79 18.63
CA GLN A 390 5.38 10.92 19.76
C GLN A 390 3.92 10.47 19.69
N LEU A 391 3.46 10.16 18.47
CA LEU A 391 2.11 9.62 18.27
C LEU A 391 1.96 8.22 18.87
N PHE A 392 3.04 7.47 18.91
CA PHE A 392 3.03 6.13 19.46
C PHE A 392 4.48 5.70 19.66
N PRO A 393 4.77 4.79 20.59
CA PRO A 393 6.13 4.29 20.75
C PRO A 393 6.62 3.58 19.50
N LEU A 394 7.94 3.45 19.40
CA LEU A 394 8.51 2.89 18.18
C LEU A 394 8.10 1.43 17.97
N THR A 395 7.90 0.68 19.06
CA THR A 395 7.43 -0.70 18.92
C THR A 395 6.06 -0.74 18.27
N THR A 396 5.17 0.19 18.65
CA THR A 396 3.88 0.25 17.99
C THR A 396 4.02 0.67 16.53
N ALA A 397 4.84 1.69 16.27
CA ALA A 397 5.06 2.15 14.89
C ALA A 397 5.51 1.00 13.99
N VAL A 398 6.51 0.22 14.46
CA VAL A 398 6.99 -0.91 13.66
C VAL A 398 5.90 -1.98 13.54
N HIS A 399 5.20 -2.26 14.64
CA HIS A 399 4.10 -3.21 14.58
C HIS A 399 3.18 -2.92 13.39
N LYS A 400 2.81 -1.64 13.21
CA LYS A 400 1.83 -1.24 12.21
C LYS A 400 2.30 -1.40 10.77
N MET A 401 3.57 -1.74 10.55
CA MET A 401 4.06 -1.97 9.20
C MET A 401 4.70 -3.35 9.06
N THR A 402 4.50 -4.24 10.04
CA THR A 402 5.11 -5.57 10.00
C THR A 402 4.16 -6.64 10.52
N GLY A 403 4.19 -6.93 11.82
CA GLY A 403 3.43 -8.05 12.33
C GLY A 403 1.94 -7.89 12.11
N LEU A 404 1.42 -6.67 12.30
CA LEU A 404 0.00 -6.42 12.07
C LEU A 404 -0.36 -6.72 10.62
N SER A 405 0.46 -6.23 9.70
CA SER A 405 0.17 -6.36 8.29
C SER A 405 0.31 -7.81 7.84
N ALA A 406 1.39 -8.50 8.28
CA ALA A 406 1.57 -9.90 7.91
C ALA A 406 0.41 -10.76 8.44
N ALA A 407 -0.03 -10.50 9.66
CA ALA A 407 -1.16 -11.26 10.16
C ALA A 407 -2.42 -10.98 9.34
N ARG A 408 -2.72 -9.69 9.09
CA ARG A 408 -3.99 -9.36 8.42
C ARG A 408 -4.05 -9.91 6.99
N PHE A 409 -2.92 -10.02 6.31
CA PHE A 409 -2.90 -10.49 4.93
C PHE A 409 -2.42 -11.92 4.81
N GLN A 410 -2.20 -12.59 5.95
CA GLN A 410 -1.88 -14.01 5.95
C GLN A 410 -0.60 -14.31 5.18
N LEU A 411 0.44 -13.55 5.45
CA LEU A 411 1.76 -13.83 4.91
C LEU A 411 2.47 -14.83 5.83
N ALA A 412 2.84 -15.97 5.28
CA ALA A 412 3.42 -17.05 6.07
C ALA A 412 4.84 -16.72 6.49
N ASP A 413 5.10 -16.74 7.80
CA ASP A 413 6.46 -16.69 8.32
C ASP A 413 7.16 -15.38 8.02
N ARG A 414 6.42 -14.27 7.97
CA ARG A 414 6.99 -12.96 7.69
C ARG A 414 6.42 -11.94 8.68
N GLY A 415 7.08 -10.78 8.76
CA GLY A 415 6.57 -9.69 9.57
C GLY A 415 6.97 -9.73 11.04
N LEU A 416 7.76 -10.71 11.46
CA LEU A 416 8.23 -10.81 12.83
C LEU A 416 9.70 -11.17 12.81
N VAL A 417 10.49 -10.52 13.67
CA VAL A 417 11.82 -11.02 14.00
C VAL A 417 11.61 -12.18 14.96
N LYS A 418 11.61 -13.40 14.42
CA LYS A 418 11.24 -14.57 15.20
C LYS A 418 12.01 -15.77 14.68
N ILE A 419 12.57 -16.56 15.60
CA ILE A 419 13.28 -17.75 15.17
C ILE A 419 12.37 -18.61 14.32
N GLY A 420 12.83 -18.99 13.13
CA GLY A 420 12.07 -19.78 12.22
C GLY A 420 11.34 -19.00 11.15
N TYR A 421 11.16 -17.69 11.32
CA TYR A 421 10.59 -16.89 10.25
C TYR A 421 11.65 -16.55 9.20
N PHE A 422 11.18 -16.11 8.04
CA PHE A 422 12.07 -15.69 6.97
C PHE A 422 12.87 -14.45 7.38
N ALA A 423 14.10 -14.37 6.88
CA ALA A 423 14.99 -13.25 7.21
C ALA A 423 14.78 -12.07 6.26
N ASP A 424 13.58 -11.46 6.38
CA ASP A 424 13.31 -10.10 5.90
C ASP A 424 13.52 -9.15 7.08
N LEU A 425 14.49 -8.25 6.96
CA LEU A 425 14.95 -7.52 8.13
C LEU A 425 15.37 -6.11 7.73
N VAL A 426 15.15 -5.15 8.62
CA VAL A 426 15.59 -3.77 8.46
C VAL A 426 16.42 -3.37 9.67
N LEU A 427 17.61 -2.85 9.40
CA LEU A 427 18.44 -2.22 10.43
C LEU A 427 18.37 -0.72 10.20
N PHE A 428 17.83 0.01 11.15
CA PHE A 428 17.73 1.46 10.98
C PHE A 428 18.14 2.16 12.26
N ASP A 429 18.60 3.41 12.09
CA ASP A 429 18.96 4.25 13.22
C ASP A 429 17.72 5.00 13.65
N PRO A 430 17.15 4.72 14.84
CA PRO A 430 15.89 5.38 15.22
C PRO A 430 16.04 6.88 15.44
N GLN A 431 17.21 7.36 15.82
CA GLN A 431 17.34 8.79 16.04
CA GLN A 431 17.39 8.79 16.04
C GLN A 431 17.55 9.58 14.75
N THR A 432 17.90 8.93 13.64
CA THR A 432 18.08 9.65 12.39
C THR A 432 17.17 9.20 11.25
N VAL A 433 16.41 8.12 11.42
CA VAL A 433 15.55 7.69 10.33
C VAL A 433 14.62 8.82 9.94
N ARG A 434 14.44 9.03 8.64
CA ARG A 434 13.62 10.17 8.26
C ARG A 434 13.28 10.09 6.77
N ASP A 435 12.06 10.55 6.45
CA ASP A 435 11.60 10.66 5.07
C ASP A 435 12.19 11.92 4.45
N VAL A 436 13.09 11.74 3.48
CA VAL A 436 13.68 12.86 2.76
C VAL A 436 12.74 13.34 1.64
N ALA A 437 11.97 12.42 1.05
CA ALA A 437 11.04 12.78 0.01
C ALA A 437 10.12 13.93 0.46
N SER A 438 9.98 14.94 -0.41
CA SER A 438 9.12 16.08 -0.17
C SER A 438 8.22 16.29 -1.38
N PHE A 439 7.21 17.16 -1.22
CA PHE A 439 6.31 17.40 -2.34
C PHE A 439 7.02 18.06 -3.52
N SER A 440 7.99 18.93 -3.26
CA SER A 440 8.72 19.53 -4.36
C SER A 440 9.85 18.66 -4.88
N ASP A 441 10.30 17.69 -4.08
CA ASP A 441 11.45 16.86 -4.44
C ASP A 441 11.19 15.46 -3.91
N PRO A 442 10.32 14.72 -4.59
CA PRO A 442 9.77 13.49 -3.97
C PRO A 442 10.62 12.24 -4.15
N LYS A 443 11.45 12.19 -5.19
CA LYS A 443 12.16 10.95 -5.52
C LYS A 443 13.52 10.91 -4.81
N ARG A 444 13.47 10.84 -3.49
CA ARG A 444 14.69 10.88 -2.70
C ARG A 444 14.67 9.79 -1.64
N PRO A 445 15.72 8.98 -1.56
CA PRO A 445 15.73 7.88 -0.59
C PRO A 445 15.81 8.39 0.84
N ALA A 446 15.13 7.68 1.74
CA ALA A 446 15.14 8.04 3.15
C ALA A 446 16.55 7.99 3.72
N ASP A 447 16.71 8.67 4.86
CA ASP A 447 17.91 8.55 5.67
C ASP A 447 17.67 7.57 6.81
N GLY A 448 18.78 7.11 7.40
CA GLY A 448 18.73 6.30 8.60
C GLY A 448 18.37 4.85 8.37
N ILE A 449 18.17 4.43 7.13
CA ILE A 449 17.94 3.02 6.80
C ILE A 449 19.31 2.42 6.52
N GLU A 450 19.82 1.63 7.46
CA GLU A 450 21.23 1.24 7.36
C GLU A 450 21.45 -0.12 6.69
N ALA A 451 20.48 -1.02 6.74
CA ALA A 451 20.63 -2.28 6.01
C ALA A 451 19.26 -2.88 5.81
N VAL A 452 19.04 -3.47 4.64
CA VAL A 452 17.80 -4.16 4.33
C VAL A 452 18.15 -5.53 3.79
N MET A 453 17.50 -6.56 4.33
CA MET A 453 17.79 -7.95 4.03
C MET A 453 16.49 -8.59 3.57
N VAL A 454 16.55 -9.33 2.45
CA VAL A 454 15.40 -9.97 1.85
C VAL A 454 15.71 -11.43 1.68
N ASN A 455 14.95 -12.30 2.34
CA ASN A 455 15.17 -13.74 2.28
C ASN A 455 16.62 -14.09 2.57
N GLY A 456 17.18 -13.42 3.58
CA GLY A 456 18.54 -13.64 4.03
C GLY A 456 19.62 -13.01 3.17
N VAL A 457 19.26 -12.30 2.11
CA VAL A 457 20.24 -11.68 1.22
C VAL A 457 20.28 -10.18 1.51
N MET A 458 21.47 -9.70 1.88
CA MET A 458 21.65 -8.27 2.15
C MET A 458 21.43 -7.52 0.85
N SER A 459 20.42 -6.66 0.80
CA SER A 459 19.99 -6.07 -0.46
C SER A 459 20.14 -4.57 -0.56
N TYR A 460 20.30 -3.85 0.55
CA TYR A 460 20.33 -2.40 0.52
C TYR A 460 21.06 -1.91 1.76
N GLY A 461 21.65 -0.72 1.65
CA GLY A 461 22.50 -0.22 2.71
C GLY A 461 22.66 1.30 2.69
N SER A 462 23.43 1.78 3.67
CA SER A 462 23.54 3.22 3.88
CA SER A 462 23.55 3.22 3.89
C SER A 462 24.11 3.96 2.68
N ASP A 463 24.89 3.27 1.83
CA ASP A 463 25.38 3.92 0.61
C ASP A 463 24.28 4.08 -0.46
N LYS A 464 23.06 3.61 -0.20
CA LYS A 464 21.91 3.79 -1.08
C LYS A 464 21.99 2.94 -2.34
N LYS A 465 22.87 1.94 -2.40
CA LYS A 465 22.96 1.05 -3.55
CA LYS A 465 22.96 1.05 -3.55
C LYS A 465 22.22 -0.25 -3.27
N ILE A 466 21.57 -0.78 -4.31
CA ILE A 466 20.88 -2.06 -4.23
C ILE A 466 21.87 -3.17 -4.56
N THR A 467 21.90 -4.22 -3.72
CA THR A 467 22.87 -5.30 -3.84
C THR A 467 22.24 -6.69 -3.83
N GLY A 468 20.92 -6.80 -3.81
CA GLY A 468 20.27 -8.09 -3.82
C GLY A 468 19.10 -8.11 -4.77
N ARG A 469 18.87 -9.29 -5.35
CA ARG A 469 17.69 -9.54 -6.19
C ARG A 469 16.99 -10.81 -5.72
N ALA A 470 16.65 -10.85 -4.43
CA ALA A 470 16.21 -12.07 -3.76
C ALA A 470 14.72 -12.06 -3.41
N GLY A 471 13.94 -11.12 -3.97
CA GLY A 471 12.50 -11.12 -3.72
C GLY A 471 11.83 -12.33 -4.33
N ARG A 472 10.70 -12.72 -3.74
CA ARG A 472 9.91 -13.84 -4.23
C ARG A 472 8.46 -13.42 -4.39
N PHE A 473 7.74 -14.15 -5.25
CA PHE A 473 6.29 -14.05 -5.21
C PHE A 473 5.76 -14.80 -4.00
N LEU A 474 4.99 -14.12 -3.16
CA LEU A 474 4.43 -14.72 -1.95
C LEU A 474 3.02 -15.22 -2.19
N ARG A 475 2.76 -16.46 -1.83
CA ARG A 475 1.42 -17.01 -1.84
C ARG A 475 0.82 -16.93 -0.44
N ARG A 476 -0.50 -16.78 -0.39
CA ARG A 476 -1.20 -16.80 0.88
C ARG A 476 -0.86 -18.05 1.68
N ARG A 477 -0.71 -17.90 2.99
CA ARG A 477 -0.55 -19.07 3.84
CA ARG A 477 -0.56 -19.05 3.86
C ARG A 477 -1.78 -19.94 3.74
N MET A 478 -1.58 -21.21 3.36
CA MET A 478 -2.71 -22.12 3.19
C MET A 478 -2.98 -22.86 4.49
N ASP A 479 -4.21 -22.73 4.99
CA ASP A 479 -4.67 -23.31 6.25
C ASP A 479 -3.54 -23.63 7.24
S SO4 B . -10.40 -25.70 -2.33
O1 SO4 B . -9.72 -24.46 -2.56
O2 SO4 B . -11.49 -25.82 -3.25
O3 SO4 B . -9.48 -26.78 -2.53
O4 SO4 B . -10.90 -25.72 -0.99
S SO4 C . -11.27 38.15 -10.92
O1 SO4 C . -9.89 38.68 -10.63
O2 SO4 C . -12.28 39.23 -10.75
O3 SO4 C . -11.31 37.67 -12.34
O4 SO4 C . -11.57 37.00 -9.99
C1 PEG D . -4.38 35.39 -18.61
O1 PEG D . -4.53 36.78 -18.50
C2 PEG D . -2.94 35.03 -18.88
O2 PEG D . -2.80 33.63 -18.98
C3 PEG D . -1.57 33.23 -19.55
C4 PEG D . -1.69 31.81 -19.99
O4 PEG D . -2.90 31.63 -20.71
C1 EDO E . -4.14 -7.56 -23.23
O1 EDO E . -4.83 -8.27 -22.23
C2 EDO E . -3.03 -8.40 -23.80
O2 EDO E . -2.30 -7.65 -24.74
C1 GOL F . -10.15 10.54 -2.99
O1 GOL F . -10.95 9.56 -2.37
C2 GOL F . -9.02 10.96 -2.07
O2 GOL F . -8.13 9.87 -1.95
C3 GOL F . -8.27 12.16 -2.62
O3 GOL F . -9.06 13.30 -2.42
C1 EDO G . -9.92 -7.06 14.62
O1 EDO G . -11.27 -6.68 14.61
C2 EDO G . -9.51 -7.62 15.97
O2 EDO G . -9.57 -6.64 16.98
C1 PGE H . 5.50 23.73 -2.97
O1 PGE H . 6.72 24.38 -3.29
C2 PGE H . 5.50 22.28 -3.42
O2 PGE H . 5.37 22.20 -4.82
C3 PGE H . 5.43 20.91 -5.38
C4 PGE H . 5.76 20.89 -6.87
O4 PGE H . 8.85 22.99 -8.24
C6 PGE H . 8.15 22.13 -9.10
C5 PGE H . 7.62 20.93 -8.30
O3 PGE H . 7.04 21.41 -7.11
C1 GOL I . -13.17 30.71 -9.57
O1 GOL I . -14.15 30.13 -10.38
C2 GOL I . -13.81 31.19 -8.29
O2 GOL I . -14.43 30.08 -7.68
C3 GOL I . -12.73 31.79 -7.39
O3 GOL I . -12.15 32.90 -8.07
C1 PEG J . 17.38 -22.42 3.39
O1 PEG J . 17.86 -21.40 2.53
C2 PEG J . 16.72 -23.52 2.60
O2 PEG J . 17.64 -24.34 1.90
C3 PEG J . 18.41 -23.64 0.95
C4 PEG J . 19.12 -24.61 0.03
O4 PEG J . 20.23 -25.21 0.66
C1 GOL K . 32.00 -14.56 17.52
O1 GOL K . 31.64 -14.86 18.86
C2 GOL K . 31.75 -13.09 17.23
O2 GOL K . 32.60 -12.31 18.05
C3 GOL K . 31.94 -12.80 15.75
O3 GOL K . 31.37 -13.86 15.00
C1 PEG L . -7.44 28.95 -23.02
O1 PEG L . -6.44 29.61 -23.76
C2 PEG L . -8.49 29.95 -22.62
O2 PEG L . -9.18 29.53 -21.46
C3 PEG L . -9.81 30.63 -20.83
C4 PEG L . -10.06 30.34 -19.37
O4 PEG L . -11.10 29.39 -19.24
S SO4 M . -14.80 -26.43 -7.93
O1 SO4 M . -14.16 -25.08 -7.84
O2 SO4 M . -16.18 -26.30 -8.50
O3 SO4 M . -13.97 -27.30 -8.83
O4 SO4 M . -14.89 -27.02 -6.56
S SO4 N . -4.89 10.37 -3.50
O1 SO4 N . -3.69 11.27 -3.37
O2 SO4 N . -6.01 11.04 -4.25
O3 SO4 N . -4.43 9.15 -4.22
O4 SO4 N . -5.42 10.00 -2.16
S SO4 O . -5.98 5.10 -5.66
O1 SO4 O . -5.48 6.45 -6.13
O2 SO4 O . -6.08 4.16 -6.82
O3 SO4 O . -5.04 4.62 -4.60
O4 SO4 O . -7.35 5.22 -5.10
S SO4 P . -27.03 -7.71 8.60
O1 SO4 P . -26.61 -7.00 7.34
O2 SO4 P . -28.29 -8.49 8.33
O3 SO4 P . -25.94 -8.64 9.06
O4 SO4 P . -27.29 -6.70 9.67
C1 EDO Q . -12.95 9.15 -6.88
O1 EDO Q . -11.77 8.41 -6.61
C2 EDO Q . -13.46 8.83 -8.27
O2 EDO Q . -12.40 8.88 -9.19
C1 GOL R . -7.05 -22.44 1.68
O1 GOL R . -6.76 -23.62 2.38
C2 GOL R . -7.09 -21.26 2.65
O2 GOL R . -7.86 -21.60 3.79
C3 GOL R . -5.67 -20.84 3.04
O3 GOL R . -5.73 -19.75 3.94
C1 PEG S . 25.26 -2.82 3.56
O1 PEG S . 26.03 -1.66 3.78
C2 PEG S . 25.10 -3.64 4.83
O2 PEG S . 25.90 -3.16 5.89
C3 PEG S . 25.28 -2.08 6.53
C4 PEG S . 25.94 -1.77 7.86
O4 PEG S . 25.53 -0.48 8.29
H11 PEG S . 25.66 -3.38 2.89
H12 PEG S . 24.38 -2.59 3.23
HO1 PEG S . 26.17 -1.29 3.03
H21 PEG S . 25.31 -4.56 4.61
H22 PEG S . 24.16 -3.62 5.08
H31 PEG S . 24.35 -2.28 6.69
H32 PEG S . 25.31 -1.30 5.97
H41 PEG S . 26.90 -1.83 7.74
H42 PEG S . 25.70 -2.47 8.48
HO4 PEG S . 25.87 -0.34 9.06
C1 EDO T . 14.21 2.21 20.24
O1 EDO T . 15.43 2.52 20.89
C2 EDO T . 13.04 2.96 20.84
O2 EDO T . 13.23 4.36 20.80
H11 EDO T . 14.03 1.27 20.30
H12 EDO T . 14.26 2.44 19.29
HO1 EDO T . 16.03 2.02 20.57
H21 EDO T . 12.93 2.63 21.75
H22 EDO T . 12.24 2.69 20.35
HO2 EDO T . 13.34 4.58 19.99
C1 EDO U . 7.07 17.07 -15.30
O1 EDO U . 7.55 16.78 -14.00
C2 EDO U . 6.16 15.94 -15.72
O2 EDO U . 5.33 16.29 -16.80
H11 EDO U . 7.79 17.15 -15.94
H12 EDO U . 6.57 17.89 -15.32
HO1 EDO U . 7.90 16.01 -14.01
H21 EDO U . 5.65 15.67 -14.93
H22 EDO U . 6.74 15.18 -15.94
HO2 EDO U . 4.79 16.89 -16.53
C1 PGE V . 8.62 -1.45 -20.39
O1 PGE V . 8.04 -1.26 -21.67
C2 PGE V . 7.60 -2.08 -19.49
O2 PGE V . 7.97 -3.43 -19.26
C3 PGE V . 6.91 -4.24 -18.82
C4 PGE V . 7.28 -5.70 -18.84
O4 PGE V . 4.37 -6.22 -22.53
C6 PGE V . 5.69 -6.08 -22.08
C5 PGE V . 5.70 -6.09 -20.57
O3 PGE V . 7.03 -6.23 -20.12
H1 PGE V . 8.90 -0.61 -19.99
H12 PGE V . 9.40 -2.02 -20.41
HO1 PGE V . 7.34 -0.79 -21.59
H2 PGE V . 6.72 -2.02 -19.90
H22 PGE V . 7.55 -1.59 -18.65
H3 PGE V . 6.13 -4.12 -19.39
H32 PGE V . 6.66 -3.99 -17.92
H4 PGE V . 6.77 -6.16 -18.16
H42 PGE V . 8.22 -5.80 -18.59
HO4 PGE V . 4.36 -6.16 -23.38
H6 PGE V . 6.08 -5.24 -22.40
H62 PGE V . 6.26 -6.79 -22.41
H5 PGE V . 5.14 -6.81 -20.25
H52 PGE V . 5.30 -5.26 -20.23
NI NI W . -4.70 2.49 -4.09
NI NI X . -7.91 3.74 -3.77
#